data_9NYZ
#
_entry.id   9NYZ
#
_cell.length_a   54.474
_cell.length_b   88.329
_cell.length_c   137.273
_cell.angle_alpha   90.000
_cell.angle_beta   90.000
_cell.angle_gamma   90.000
#
_symmetry.space_group_name_H-M   'P 21 21 21'
#
loop_
_entity.id
_entity.type
_entity.pdbx_description
1 polymer 'Glutamate receptor ionotropic, NMDA 1'
2 polymer 'Glutamate receptor ionotropic, NMDA 2A'
3 non-polymer '5,7-DICHLORO-4-HYDROXYQUINOLINE-2-CARBOXYLIC ACID'
4 non-polymer N-(cyclohexylmethyl)-2-[(5-{[(1R)-1-phenylpropyl]amino}-1,3,4-thiadiazol-2-yl)sulfanyl]acetamide
5 non-polymer 'GLUTAMIC ACID'
6 water water
#
loop_
_entity_poly.entity_id
_entity_poly.type
_entity_poly.pdbx_seq_one_letter_code
_entity_poly.pdbx_strand_id
1 'polypeptide(L)'
;GMSTRLKIVTIHQEPFVYVKPTMSDGTCKEEFTVNGDPVKKVICTGPNDTSPGSPRHTVPQCCYGFCIDLLIKLARTMNF
TYEVHLVADGKFGTQERVNNSNKKEWNGMMGELLSGQADMIVAPLTINNERAQYIEFSKPFKYQGLTILVKKGTRITGIN
DPRLRNPSDKFIYATVKQSSVDIYFRRQVELSTMYRHMEKHNYESAAEAIQAVRDNKLHAFIWDSAVLEFEASQKCDLVT
TGELFFRSGFGIGMRKDSPWKQNVSLSILKSHENGFMEDLDKTWVRYQECDS
;
A
2 'polypeptide(L)'
;SDDNHLSIVTLEEAPFVIVEDIDPLTETCVRNTVPCRKFVKINNSTNEGMNVKKCCKGFCIDILKKLSRTVKFTYDLYLV
TNGKHGKKVNNVWNGMIGEVVYQRAVMAVGSLTINEERSEVVDFSVPFVETGISVMVSRGTQVTGLSDKKFQRPHDYSPP
FRFGTVPNGSTERNIRNNYPYMHQYMTRFNQRGVEDALVSLKTGKLDAFIYDAAVLNYKAGRDEGCKLVTIGSGYIFATT
GYGIALQKGSPWKRQIDLALLQFVGDGEMEELETLWLTGICHN
;
B
#
# COMPACT_ATOMS: atom_id res chain seq x y z
N SER A 3 33.62 9.12 -0.67
CA SER A 3 32.83 10.10 -1.39
C SER A 3 31.44 10.26 -0.78
N THR A 4 30.89 11.47 -0.91
CA THR A 4 29.54 11.75 -0.43
C THR A 4 28.46 11.56 -1.48
N ARG A 5 28.84 11.38 -2.74
CA ARG A 5 27.87 11.07 -3.80
C ARG A 5 27.34 9.66 -3.63
N LEU A 6 26.01 9.52 -3.54
CA LEU A 6 25.39 8.22 -3.36
C LEU A 6 25.36 7.47 -4.68
N LYS A 7 25.70 6.19 -4.63
CA LYS A 7 25.62 5.30 -5.78
C LYS A 7 24.24 4.68 -5.81
N ILE A 8 23.45 5.03 -6.81
CA ILE A 8 22.08 4.55 -6.93
C ILE A 8 22.07 3.44 -7.97
N VAL A 9 21.47 2.31 -7.65
CA VAL A 9 21.30 1.24 -8.63
C VAL A 9 19.82 1.13 -8.96
N THR A 10 19.54 0.97 -10.25
CA THR A 10 18.19 0.79 -10.72
C THR A 10 18.19 -0.28 -11.83
N ILE A 11 17.02 -0.46 -12.46
CA ILE A 11 16.79 -1.53 -13.43
C ILE A 11 15.78 -1.00 -14.43
N HIS A 12 15.86 -1.49 -15.66
CA HIS A 12 14.85 -1.13 -16.65
C HIS A 12 13.54 -1.81 -16.32
N GLN A 13 12.46 -1.02 -16.08
CA GLN A 13 11.13 -1.60 -15.83
C GLN A 13 10.10 -0.48 -16.01
N GLU A 14 9.43 -0.48 -17.14
CA GLU A 14 8.48 0.58 -17.43
C GLU A 14 7.21 0.36 -16.62
N PRO A 15 6.53 1.44 -16.20
CA PRO A 15 6.81 2.87 -16.41
C PRO A 15 7.67 3.48 -15.29
N PHE A 16 8.32 2.65 -14.48
CA PHE A 16 9.12 3.17 -13.38
C PHE A 16 10.48 3.66 -13.84
N VAL A 17 11.13 2.92 -14.72
CA VAL A 17 12.43 3.31 -15.26
C VAL A 17 12.43 2.94 -16.74
N TYR A 18 12.42 3.95 -17.60
CA TYR A 18 12.74 3.82 -19.00
C TYR A 18 14.25 3.96 -19.18
N VAL A 19 14.78 3.33 -20.22
CA VAL A 19 16.19 3.37 -20.55
C VAL A 19 16.32 3.54 -22.05
N LYS A 20 17.03 4.59 -22.49
CA LYS A 20 17.20 4.88 -23.91
C LYS A 20 18.64 5.30 -24.16
N PRO A 21 19.10 5.21 -25.40
CA PRO A 21 20.44 5.72 -25.73
C PRO A 21 20.51 7.24 -25.68
N THR A 22 21.71 7.75 -25.44
CA THR A 22 21.95 9.16 -25.61
C THR A 22 21.83 9.51 -27.08
N MET A 23 21.71 10.80 -27.34
CA MET A 23 21.79 11.34 -28.69
C MET A 23 23.23 11.48 -29.13
N SER A 24 23.43 11.90 -30.38
CA SER A 24 24.76 11.88 -30.96
C SER A 24 25.75 12.78 -30.23
N ASP A 25 25.29 13.81 -29.53
CA ASP A 25 26.17 14.68 -28.74
C ASP A 25 26.29 14.25 -27.29
N GLY A 26 25.71 13.11 -26.91
CA GLY A 26 25.81 12.55 -25.58
C GLY A 26 24.81 13.07 -24.56
N THR A 27 23.90 13.98 -24.94
CA THR A 27 22.80 14.44 -24.11
C THR A 27 21.57 13.56 -24.31
N CYS A 28 20.54 13.81 -23.50
CA CYS A 28 19.27 13.06 -23.58
C CYS A 28 18.21 13.91 -24.30
N LYS A 29 17.52 13.29 -25.23
CA LYS A 29 16.50 13.95 -26.05
C LYS A 29 15.52 14.76 -25.20
N GLU A 30 15.23 15.99 -25.64
CA GLU A 30 14.18 16.77 -25.00
C GLU A 30 12.83 16.12 -25.28
N GLU A 31 12.12 15.77 -24.23
CA GLU A 31 10.74 15.36 -24.39
C GLU A 31 9.90 16.09 -23.37
N PHE A 32 8.60 16.10 -23.65
CA PHE A 32 7.62 16.78 -22.84
C PHE A 32 6.46 15.84 -22.65
N THR A 33 5.50 16.30 -21.91
CA THR A 33 4.17 15.72 -21.95
C THR A 33 3.27 16.72 -22.63
N VAL A 34 2.16 16.24 -23.19
CA VAL A 34 1.20 17.14 -23.81
C VAL A 34 0.74 18.17 -22.80
N ASN A 35 0.73 17.81 -21.50
CA ASN A 35 0.38 18.72 -20.41
C ASN A 35 1.53 19.64 -20.02
N GLY A 36 2.66 19.57 -20.72
CA GLY A 36 3.54 20.71 -20.78
C GLY A 36 4.93 20.48 -20.27
N ASP A 37 5.06 19.72 -19.18
CA ASP A 37 6.32 19.69 -18.42
C ASP A 37 7.41 18.93 -19.16
N PRO A 38 8.64 19.44 -19.16
CA PRO A 38 9.74 18.65 -19.69
C PRO A 38 9.89 17.38 -18.87
N VAL A 39 10.19 16.30 -19.58
CA VAL A 39 10.53 15.03 -18.96
C VAL A 39 11.91 15.17 -18.36
N LYS A 40 12.03 14.95 -17.07
CA LYS A 40 13.32 15.03 -16.40
C LYS A 40 14.10 13.73 -16.64
N LYS A 41 15.32 13.85 -17.11
CA LYS A 41 16.13 12.68 -17.45
C LYS A 41 17.48 12.74 -16.74
N VAL A 42 18.01 11.57 -16.38
CA VAL A 42 19.33 11.49 -15.76
C VAL A 42 20.17 10.53 -16.58
N ILE A 43 21.48 10.76 -16.57
CA ILE A 43 22.38 9.83 -17.21
C ILE A 43 22.61 8.67 -16.27
N CYS A 44 22.49 7.45 -16.79
N CYS A 44 22.40 7.48 -16.77
CA CYS A 44 22.59 6.22 -16.00
CA CYS A 44 22.67 6.25 -16.03
C CYS A 44 23.48 5.24 -16.76
C CYS A 44 23.64 5.43 -16.85
N THR A 45 24.66 4.94 -16.21
CA THR A 45 25.59 4.07 -16.89
C THR A 45 25.18 2.63 -16.64
N GLY A 46 25.41 1.80 -17.66
CA GLY A 46 25.13 0.41 -17.51
C GLY A 46 25.44 -0.36 -18.77
N PRO A 47 25.36 -1.69 -18.66
CA PRO A 47 25.56 -2.53 -19.83
C PRO A 47 24.47 -2.25 -20.83
N ASN A 48 24.78 -2.43 -22.10
CA ASN A 48 23.77 -2.30 -23.15
C ASN A 48 23.80 -3.50 -24.08
N ASP A 49 24.22 -4.65 -23.53
CA ASP A 49 24.20 -5.95 -24.23
C ASP A 49 23.79 -6.97 -23.18
N THR A 50 22.58 -7.50 -23.32
CA THR A 50 22.05 -8.45 -22.36
C THR A 50 22.51 -9.88 -22.61
N SER A 51 23.10 -10.16 -23.76
CA SER A 51 23.28 -11.54 -24.22
C SER A 51 24.13 -12.34 -23.21
N PRO A 52 23.84 -13.63 -23.06
CA PRO A 52 24.57 -14.44 -22.06
C PRO A 52 26.04 -14.60 -22.42
N GLY A 53 26.89 -14.56 -21.41
CA GLY A 53 28.31 -14.73 -21.66
C GLY A 53 28.95 -13.56 -22.35
N SER A 54 28.25 -12.41 -22.41
CA SER A 54 28.72 -11.22 -23.08
C SER A 54 29.56 -10.38 -22.13
N PRO A 55 30.51 -9.62 -22.65
CA PRO A 55 31.10 -8.53 -21.86
C PRO A 55 30.05 -7.53 -21.42
N ARG A 56 30.28 -6.92 -20.26
CA ARG A 56 29.37 -5.91 -19.72
C ARG A 56 30.08 -4.57 -19.93
N HIS A 57 29.90 -4.02 -21.13
CA HIS A 57 30.51 -2.75 -21.51
C HIS A 57 29.62 -1.63 -21.01
N THR A 58 30.08 -0.90 -20.02
CA THR A 58 29.25 0.08 -19.36
C THR A 58 29.25 1.40 -20.13
N VAL A 59 28.07 1.84 -20.59
CA VAL A 59 28.02 3.06 -21.39
C VAL A 59 26.96 3.99 -20.81
N PRO A 60 27.11 5.29 -21.00
CA PRO A 60 26.09 6.23 -20.51
C PRO A 60 24.82 6.10 -21.33
N GLN A 61 23.69 5.98 -20.65
CA GLN A 61 22.35 5.90 -21.22
C GLN A 61 21.46 6.91 -20.50
N CYS A 62 20.25 7.11 -21.04
CA CYS A 62 19.28 8.07 -20.48
C CYS A 62 18.19 7.32 -19.73
N CYS A 63 17.95 7.71 -18.47
N CYS A 63 17.91 7.72 -18.50
CA CYS A 63 16.91 7.10 -17.64
CA CYS A 63 16.83 7.05 -17.78
C CYS A 63 15.86 8.14 -17.28
C CYS A 63 15.88 8.06 -17.17
N TYR A 64 14.61 7.71 -17.16
CA TYR A 64 13.54 8.59 -16.72
C TYR A 64 12.37 7.72 -16.32
N GLY A 65 11.38 8.33 -15.67
CA GLY A 65 10.19 7.63 -15.23
C GLY A 65 9.87 7.86 -13.76
N PHE A 66 8.82 7.17 -13.29
CA PHE A 66 8.32 7.35 -11.92
C PHE A 66 9.45 7.29 -10.89
N CYS A 67 10.32 6.28 -10.99
CA CYS A 67 11.38 6.15 -9.99
C CYS A 67 12.45 7.23 -10.13
N ILE A 68 12.74 7.67 -11.35
CA ILE A 68 13.72 8.73 -11.54
C ILE A 68 13.17 10.05 -11.02
N ASP A 69 11.90 10.37 -11.30
CA ASP A 69 11.31 11.58 -10.69
C ASP A 69 11.39 11.50 -9.16
N LEU A 70 11.11 10.32 -8.60
CA LEU A 70 11.16 10.18 -7.16
C LEU A 70 12.56 10.43 -6.63
N LEU A 71 13.57 9.86 -7.30
CA LEU A 71 14.95 10.09 -6.91
C LEU A 71 15.30 11.58 -6.93
N ILE A 72 14.93 12.25 -8.01
CA ILE A 72 15.24 13.68 -8.15
C ILE A 72 14.68 14.45 -6.96
N LYS A 73 13.43 14.15 -6.60
CA LYS A 73 12.79 14.83 -5.50
C LYS A 73 13.50 14.55 -4.20
N LEU A 74 13.79 13.28 -3.92
CA LEU A 74 14.47 12.94 -2.68
C LEU A 74 15.83 13.63 -2.61
N ALA A 75 16.59 13.56 -3.70
CA ALA A 75 17.91 14.19 -3.71
C ALA A 75 17.83 15.67 -3.34
N ARG A 76 16.82 16.36 -3.83
CA ARG A 76 16.72 17.79 -3.57
C ARG A 76 16.28 18.04 -2.14
N THR A 77 15.28 17.30 -1.71
CA THR A 77 14.70 17.41 -0.39
C THR A 77 15.68 17.02 0.71
N MET A 78 16.45 15.96 0.50
CA MET A 78 17.37 15.50 1.53
C MET A 78 18.77 16.03 1.31
N ASN A 79 18.98 16.77 0.24
CA ASN A 79 20.27 17.42 0.00
C ASN A 79 21.41 16.41 -0.16
N PHE A 80 21.26 15.51 -1.14
CA PHE A 80 22.38 14.64 -1.53
C PHE A 80 22.57 14.66 -3.03
N THR A 81 23.80 14.35 -3.45
CA THR A 81 24.11 14.12 -4.85
C THR A 81 24.17 12.62 -5.10
N TYR A 82 24.13 12.25 -6.37
CA TYR A 82 23.99 10.85 -6.69
C TYR A 82 24.58 10.57 -8.07
N GLU A 83 24.91 9.31 -8.30
CA GLU A 83 25.17 8.79 -9.64
C GLU A 83 24.39 7.49 -9.77
N VAL A 84 23.73 7.31 -10.91
CA VAL A 84 22.85 6.17 -11.15
C VAL A 84 23.52 5.19 -12.10
N HIS A 85 23.42 3.90 -11.79
CA HIS A 85 23.78 2.90 -12.76
C HIS A 85 22.75 1.79 -12.78
N LEU A 86 22.75 1.06 -13.90
CA LEU A 86 21.85 -0.06 -14.14
C LEU A 86 22.52 -1.32 -13.62
N VAL A 87 21.76 -2.15 -12.89
CA VAL A 87 22.28 -3.36 -12.28
C VAL A 87 23.01 -4.17 -13.34
N ALA A 88 24.25 -4.55 -13.03
CA ALA A 88 25.11 -5.16 -14.04
C ALA A 88 24.56 -6.49 -14.57
N ASP A 89 23.95 -7.30 -13.72
CA ASP A 89 23.40 -8.59 -14.17
C ASP A 89 21.93 -8.52 -14.60
N GLY A 90 21.30 -7.36 -14.55
CA GLY A 90 19.95 -7.25 -15.08
C GLY A 90 18.83 -7.78 -14.20
N LYS A 91 19.09 -8.11 -12.94
CA LYS A 91 18.08 -8.72 -12.08
C LYS A 91 17.70 -7.85 -10.89
N PHE A 92 16.50 -8.11 -10.38
CA PHE A 92 16.06 -7.43 -9.16
C PHE A 92 16.78 -7.97 -7.94
N GLY A 93 16.85 -9.30 -7.80
CA GLY A 93 17.49 -9.85 -6.64
C GLY A 93 16.79 -11.08 -6.09
N THR A 94 17.41 -12.24 -6.28
CA THR A 94 16.99 -13.49 -5.64
C THR A 94 18.21 -14.16 -5.04
N GLN A 95 17.97 -15.07 -4.10
CA GLN A 95 19.04 -15.81 -3.47
C GLN A 95 19.31 -17.08 -4.28
N GLU A 96 20.56 -17.28 -4.68
CA GLU A 96 20.93 -18.44 -5.49
C GLU A 96 22.05 -19.20 -4.81
N ARG A 97 22.14 -20.48 -5.09
CA ARG A 97 23.15 -21.29 -4.41
C ARG A 97 24.50 -21.14 -5.09
N VAL A 98 25.53 -21.12 -4.27
CA VAL A 98 26.91 -21.27 -4.71
C VAL A 98 27.23 -22.75 -4.90
N ASN A 99 28.22 -23.04 -5.74
CA ASN A 99 28.66 -24.42 -5.84
C ASN A 99 29.39 -24.83 -4.56
N ASN A 100 29.27 -26.12 -4.23
CA ASN A 100 29.97 -26.75 -3.10
C ASN A 100 29.43 -26.30 -1.75
N SER A 101 28.24 -25.70 -1.73
CA SER A 101 27.72 -25.06 -0.54
C SER A 101 26.21 -24.97 -0.69
N ASN A 102 25.48 -25.19 0.41
CA ASN A 102 24.05 -24.89 0.44
C ASN A 102 23.78 -23.44 0.84
N LYS A 103 24.83 -22.67 1.14
CA LYS A 103 24.71 -21.24 1.44
C LYS A 103 24.34 -20.44 0.18
N LYS A 104 23.35 -19.57 0.33
CA LYS A 104 22.85 -18.75 -0.76
C LYS A 104 23.54 -17.38 -0.81
N GLU A 105 23.53 -16.78 -2.00
CA GLU A 105 24.06 -15.45 -2.25
C GLU A 105 23.06 -14.66 -3.09
N TRP A 106 22.91 -13.36 -2.80
CA TRP A 106 21.95 -12.57 -3.54
C TRP A 106 22.57 -12.16 -4.87
N ASN A 107 21.79 -12.22 -5.93
CA ASN A 107 22.20 -11.58 -7.16
C ASN A 107 21.45 -10.24 -7.31
N GLY A 108 21.56 -9.64 -8.49
CA GLY A 108 20.77 -8.48 -8.81
C GLY A 108 21.11 -7.28 -7.95
N MET A 109 20.11 -6.41 -7.86
CA MET A 109 20.21 -5.17 -7.17
C MET A 109 20.45 -5.42 -5.69
N MET A 110 19.80 -6.47 -5.15
CA MET A 110 20.09 -6.88 -3.78
C MET A 110 21.56 -7.18 -3.58
N GLY A 111 22.15 -7.96 -4.47
CA GLY A 111 23.57 -8.30 -4.32
C GLY A 111 24.46 -7.07 -4.38
N GLU A 112 24.13 -6.13 -5.28
CA GLU A 112 24.95 -4.92 -5.41
C GLU A 112 24.84 -4.02 -4.18
N LEU A 113 23.64 -3.87 -3.63
CA LEU A 113 23.46 -3.11 -2.39
C LEU A 113 24.25 -3.76 -1.26
N LEU A 114 24.15 -5.08 -1.11
CA LEU A 114 24.83 -5.74 0.01
C LEU A 114 26.34 -5.70 -0.13
N SER A 115 26.87 -5.72 -1.36
CA SER A 115 28.32 -5.73 -1.57
C SER A 115 28.93 -4.33 -1.58
N GLY A 116 28.13 -3.28 -1.50
CA GLY A 116 28.66 -1.93 -1.54
C GLY A 116 28.79 -1.32 -2.92
N GLN A 117 28.41 -2.05 -3.96
CA GLN A 117 28.38 -1.47 -5.31
C GLN A 117 27.28 -0.45 -5.47
N ALA A 118 26.33 -0.45 -4.56
CA ALA A 118 25.33 0.58 -4.52
C ALA A 118 25.12 0.95 -3.06
N ASP A 119 24.63 2.17 -2.85
CA ASP A 119 24.23 2.67 -1.55
C ASP A 119 22.74 2.69 -1.38
N MET A 120 21.98 2.68 -2.48
CA MET A 120 20.53 2.75 -2.44
CA MET A 120 20.53 2.76 -2.45
C MET A 120 19.98 2.10 -3.70
N ILE A 121 18.94 1.30 -3.52
CA ILE A 121 18.19 0.75 -4.64
C ILE A 121 17.00 1.66 -4.83
N VAL A 122 16.88 2.27 -6.01
CA VAL A 122 15.73 3.12 -6.34
C VAL A 122 15.11 2.49 -7.57
N ALA A 123 14.09 1.67 -7.35
CA ALA A 123 13.54 0.85 -8.41
C ALA A 123 12.23 0.27 -7.90
N PRO A 124 11.43 -0.36 -8.75
CA PRO A 124 10.19 -0.95 -8.18
C PRO A 124 10.52 -2.30 -7.56
N LEU A 125 11.07 -2.24 -6.35
CA LEU A 125 11.61 -3.40 -5.64
C LEU A 125 10.58 -3.88 -4.61
N THR A 126 10.05 -5.08 -4.85
CA THR A 126 9.02 -5.63 -3.99
C THR A 126 9.55 -5.82 -2.58
N ILE A 127 8.84 -5.28 -1.60
CA ILE A 127 9.12 -5.51 -0.19
C ILE A 127 8.63 -6.89 0.20
N ASN A 128 9.52 -7.72 0.76
CA ASN A 128 9.10 -9.03 1.23
C ASN A 128 9.99 -9.48 2.38
N ASN A 129 9.58 -10.58 3.02
CA ASN A 129 10.26 -11.03 4.22
C ASN A 129 11.71 -11.41 3.93
N GLU A 130 11.92 -12.21 2.88
CA GLU A 130 13.27 -12.69 2.55
C GLU A 130 14.25 -11.53 2.40
N ARG A 131 13.84 -10.50 1.66
CA ARG A 131 14.73 -9.35 1.44
C ARG A 131 14.88 -8.53 2.69
N ALA A 132 13.81 -8.38 3.47
CA ALA A 132 13.89 -7.56 4.66
C ALA A 132 14.76 -8.18 5.74
N GLN A 133 14.97 -9.49 5.72
CA GLN A 133 15.93 -10.09 6.64
C GLN A 133 17.34 -9.55 6.44
N TYR A 134 17.65 -9.04 5.24
CA TYR A 134 19.01 -8.61 4.88
C TYR A 134 19.18 -7.11 4.69
N ILE A 135 18.16 -6.40 4.21
CA ILE A 135 18.27 -4.98 3.91
C ILE A 135 17.12 -4.26 4.61
N GLU A 136 17.20 -2.94 4.62
CA GLU A 136 16.13 -2.09 5.12
C GLU A 136 15.33 -1.49 3.98
N PHE A 137 14.01 -1.47 4.14
CA PHE A 137 13.11 -0.89 3.17
C PHE A 137 12.48 0.38 3.76
N SER A 138 12.23 1.35 2.90
CA SER A 138 11.37 2.45 3.25
C SER A 138 9.94 1.96 3.37
N LYS A 139 9.08 2.82 3.95
CA LYS A 139 7.65 2.67 3.74
C LYS A 139 7.38 2.71 2.23
N PRO A 140 6.31 2.07 1.76
CA PRO A 140 6.17 1.88 0.31
C PRO A 140 5.98 3.20 -0.41
N PHE A 141 6.70 3.38 -1.52
CA PHE A 141 6.44 4.53 -2.37
C PHE A 141 5.34 4.26 -3.37
N LYS A 142 4.97 3.00 -3.55
CA LYS A 142 3.89 2.64 -4.47
C LYS A 142 3.27 1.35 -3.93
N TYR A 143 1.95 1.38 -3.75
CA TYR A 143 1.21 0.19 -3.38
C TYR A 143 0.62 -0.44 -4.63
N GLN A 144 0.71 -1.75 -4.73
CA GLN A 144 0.19 -2.40 -5.91
C GLN A 144 -0.22 -3.82 -5.55
N GLY A 145 -0.28 -4.69 -6.55
CA GLY A 145 -0.70 -6.07 -6.33
C GLY A 145 -0.72 -6.79 -7.66
N LEU A 146 -1.32 -7.96 -7.66
CA LEU A 146 -1.55 -8.71 -8.89
C LEU A 146 -2.96 -8.43 -9.41
N THR A 147 -3.09 -8.36 -10.73
CA THR A 147 -4.39 -8.22 -11.33
C THR A 147 -4.34 -8.93 -12.67
N ILE A 148 -5.38 -8.75 -13.46
CA ILE A 148 -5.65 -9.62 -14.59
C ILE A 148 -5.93 -8.75 -15.79
N LEU A 149 -5.24 -9.00 -16.88
CA LEU A 149 -5.38 -8.25 -18.12
C LEU A 149 -6.14 -9.12 -19.12
N VAL A 150 -7.20 -8.56 -19.69
CA VAL A 150 -8.06 -9.27 -20.62
C VAL A 150 -8.41 -8.31 -21.75
N LYS A 151 -9.06 -8.83 -22.79
CA LYS A 151 -9.64 -7.98 -23.81
C LYS A 151 -10.87 -7.28 -23.27
N LYS A 152 -11.07 -6.02 -23.71
CA LYS A 152 -12.27 -5.29 -23.35
C LYS A 152 -13.50 -6.15 -23.62
N GLY A 153 -14.44 -6.15 -22.68
CA GLY A 153 -15.64 -6.96 -22.78
C GLY A 153 -15.56 -8.30 -22.10
N THR A 154 -14.38 -8.76 -21.70
CA THR A 154 -14.22 -10.03 -21.00
C THR A 154 -14.44 -9.82 -19.50
N ARG A 155 -15.31 -10.64 -18.89
CA ARG A 155 -15.76 -10.42 -17.52
C ARG A 155 -15.15 -11.48 -16.60
N ILE A 156 -14.28 -11.04 -15.68
CA ILE A 156 -13.55 -11.90 -14.75
C ILE A 156 -13.47 -11.20 -13.40
N THR A 157 -14.00 -11.84 -12.35
CA THR A 157 -14.14 -11.15 -11.08
C THR A 157 -12.82 -11.01 -10.33
N GLY A 158 -11.80 -11.75 -10.72
CA GLY A 158 -10.57 -11.80 -9.99
C GLY A 158 -10.14 -13.22 -9.80
N ILE A 159 -9.27 -13.43 -8.83
CA ILE A 159 -8.67 -14.74 -8.63
C ILE A 159 -9.67 -15.81 -8.21
N ASN A 160 -10.88 -15.43 -7.77
CA ASN A 160 -11.90 -16.41 -7.36
C ASN A 160 -12.99 -16.60 -8.41
N ASP A 161 -12.80 -16.06 -9.61
CA ASP A 161 -13.74 -16.28 -10.70
C ASP A 161 -13.81 -17.76 -11.07
N PRO A 162 -15.01 -18.29 -11.36
CA PRO A 162 -15.14 -19.70 -11.75
C PRO A 162 -14.32 -20.15 -12.93
N ARG A 163 -14.11 -19.30 -13.95
CA ARG A 163 -13.28 -19.73 -15.07
C ARG A 163 -11.79 -19.69 -14.76
N LEU A 164 -11.40 -19.11 -13.62
CA LEU A 164 -10.06 -19.30 -13.10
C LEU A 164 -9.99 -20.48 -12.14
N ARG A 165 -10.96 -20.62 -11.24
CA ARG A 165 -10.82 -21.66 -10.24
C ARG A 165 -11.03 -23.04 -10.83
N ASN A 166 -11.79 -23.14 -11.92
CA ASN A 166 -12.11 -24.42 -12.56
C ASN A 166 -11.66 -24.31 -14.02
N PRO A 167 -10.36 -24.44 -14.25
CA PRO A 167 -9.80 -24.12 -15.56
C PRO A 167 -10.15 -25.13 -16.63
N SER A 168 -10.18 -24.65 -17.87
CA SER A 168 -10.29 -25.49 -19.05
C SER A 168 -9.65 -24.73 -20.19
N ASP A 169 -9.34 -25.46 -21.26
CA ASP A 169 -8.71 -24.80 -22.39
C ASP A 169 -9.67 -23.91 -23.17
N LYS A 170 -10.94 -23.83 -22.77
CA LYS A 170 -11.82 -22.85 -23.38
C LYS A 170 -11.50 -21.44 -22.93
N PHE A 171 -10.84 -21.27 -21.78
CA PHE A 171 -10.46 -19.95 -21.28
C PHE A 171 -9.07 -20.04 -20.69
N ILE A 172 -8.07 -19.63 -21.47
CA ILE A 172 -6.66 -19.82 -21.14
C ILE A 172 -6.15 -18.63 -20.38
N TYR A 173 -5.49 -18.88 -19.26
CA TYR A 173 -4.87 -17.79 -18.51
C TYR A 173 -3.47 -18.23 -18.12
N ALA A 174 -2.61 -17.26 -17.84
CA ALA A 174 -1.19 -17.57 -17.76
C ALA A 174 -0.44 -16.36 -17.24
N THR A 175 0.83 -16.59 -16.91
CA THR A 175 1.74 -15.53 -16.48
C THR A 175 3.07 -15.79 -17.18
N VAL A 176 4.13 -15.12 -16.69
CA VAL A 176 5.46 -15.26 -17.29
C VAL A 176 6.23 -16.34 -16.55
N LYS A 177 6.79 -17.29 -17.30
CA LYS A 177 7.59 -18.36 -16.71
C LYS A 177 8.67 -17.81 -15.78
N GLN A 178 8.86 -18.50 -14.66
CA GLN A 178 9.91 -18.22 -13.67
C GLN A 178 9.80 -16.84 -13.03
N SER A 179 8.69 -16.14 -13.22
CA SER A 179 8.54 -14.80 -12.68
C SER A 179 8.10 -14.83 -11.21
N SER A 180 8.12 -13.67 -10.56
N SER A 180 8.12 -13.66 -10.57
CA SER A 180 7.63 -13.60 -9.20
CA SER A 180 7.61 -13.57 -9.20
C SER A 180 6.20 -14.13 -9.11
C SER A 180 6.20 -14.15 -9.12
N VAL A 181 5.39 -13.93 -10.14
CA VAL A 181 4.01 -14.43 -10.12
C VAL A 181 3.98 -15.95 -10.22
N ASP A 182 4.82 -16.53 -11.07
CA ASP A 182 4.87 -17.98 -11.19
C ASP A 182 5.29 -18.60 -9.87
N ILE A 183 6.32 -18.04 -9.24
CA ILE A 183 6.74 -18.54 -7.93
C ILE A 183 5.59 -18.42 -6.93
N TYR A 184 4.86 -17.29 -6.95
CA TYR A 184 3.74 -17.16 -6.03
C TYR A 184 2.70 -18.25 -6.26
N PHE A 185 2.39 -18.54 -7.52
CA PHE A 185 1.39 -19.56 -7.75
C PHE A 185 1.91 -20.96 -7.41
N ARG A 186 3.21 -21.21 -7.53
CA ARG A 186 3.77 -22.51 -7.13
C ARG A 186 3.71 -22.68 -5.61
N ARG A 187 4.06 -21.61 -4.88
CA ARG A 187 4.26 -21.68 -3.44
C ARG A 187 2.96 -21.95 -2.69
N GLN A 188 1.83 -21.50 -3.23
CA GLN A 188 0.55 -21.52 -2.51
C GLN A 188 -0.18 -22.80 -2.94
N VAL A 189 -0.38 -23.71 -1.99
CA VAL A 189 -0.94 -25.03 -2.30
C VAL A 189 -2.37 -24.91 -2.81
N GLU A 190 -3.14 -23.92 -2.34
CA GLU A 190 -4.55 -23.79 -2.69
C GLU A 190 -4.76 -23.25 -4.09
N LEU A 191 -3.69 -22.83 -4.76
CA LEU A 191 -3.79 -22.41 -6.16
C LEU A 191 -3.25 -23.49 -7.08
N SER A 192 -3.27 -24.75 -6.61
CA SER A 192 -2.63 -25.88 -7.29
C SER A 192 -3.29 -26.20 -8.62
N THR A 193 -4.61 -26.19 -8.69
CA THR A 193 -5.25 -26.48 -9.97
C THR A 193 -5.02 -25.36 -10.97
N MET A 194 -5.00 -24.11 -10.48
CA MET A 194 -4.71 -22.99 -11.36
CA MET A 194 -4.70 -22.97 -11.34
C MET A 194 -3.27 -23.02 -11.86
N TYR A 195 -2.32 -23.37 -11.00
CA TYR A 195 -0.92 -23.43 -11.40
C TYR A 195 -0.70 -24.49 -12.47
N ARG A 196 -1.34 -25.65 -12.31
CA ARG A 196 -1.27 -26.72 -13.30
C ARG A 196 -1.76 -26.25 -14.67
N HIS A 197 -2.79 -25.41 -14.70
CA HIS A 197 -3.27 -24.84 -15.96
C HIS A 197 -2.23 -23.87 -16.51
N MET A 198 -1.72 -23.01 -15.64
CA MET A 198 -0.81 -21.95 -16.08
C MET A 198 0.51 -22.52 -16.59
N GLU A 199 0.98 -23.59 -15.97
CA GLU A 199 2.23 -24.24 -16.37
C GLU A 199 2.16 -24.74 -17.81
N LYS A 200 0.96 -25.07 -18.29
CA LYS A 200 0.81 -25.48 -19.69
C LYS A 200 0.89 -24.31 -20.65
N HIS A 201 0.74 -23.08 -20.15
CA HIS A 201 0.51 -21.94 -21.03
C HIS A 201 1.39 -20.72 -20.75
N ASN A 202 2.29 -20.76 -19.78
CA ASN A 202 3.01 -19.55 -19.42
C ASN A 202 3.90 -19.09 -20.56
N TYR A 203 4.12 -17.78 -20.61
CA TYR A 203 4.88 -17.16 -21.69
C TYR A 203 6.32 -16.85 -21.24
N GLU A 204 7.15 -16.56 -22.23
CA GLU A 204 8.55 -16.23 -21.95
C GLU A 204 8.74 -14.80 -21.47
N SER A 205 7.87 -13.88 -21.89
CA SER A 205 7.98 -12.49 -21.45
C SER A 205 6.59 -11.87 -21.35
N ALA A 206 6.54 -10.76 -20.61
CA ALA A 206 5.30 -10.02 -20.47
C ALA A 206 4.87 -9.42 -21.80
N ALA A 207 5.80 -8.90 -22.58
CA ALA A 207 5.42 -8.36 -23.88
C ALA A 207 4.73 -9.43 -24.72
N GLU A 208 5.26 -10.66 -24.67
CA GLU A 208 4.67 -11.75 -25.45
C GLU A 208 3.31 -12.12 -24.91
N ALA A 209 3.16 -12.21 -23.59
CA ALA A 209 1.85 -12.47 -23.01
C ALA A 209 0.86 -11.37 -23.39
N ILE A 210 1.30 -10.11 -23.29
CA ILE A 210 0.36 -9.02 -23.55
C ILE A 210 -0.07 -9.01 -25.01
N GLN A 211 0.86 -9.27 -25.92
CA GLN A 211 0.49 -9.37 -27.34
C GLN A 211 -0.49 -10.52 -27.56
N ALA A 212 -0.27 -11.66 -26.91
CA ALA A 212 -1.19 -12.79 -27.06
C ALA A 212 -2.60 -12.41 -26.60
N VAL A 213 -2.71 -11.62 -25.53
CA VAL A 213 -4.07 -11.19 -25.16
C VAL A 213 -4.67 -10.39 -26.31
N ARG A 214 -3.87 -9.52 -26.94
CA ARG A 214 -4.35 -8.76 -28.09
C ARG A 214 -4.75 -9.68 -29.24
N ASP A 215 -3.97 -10.74 -29.48
CA ASP A 215 -4.21 -11.64 -30.61
C ASP A 215 -5.16 -12.79 -30.28
N ASN A 216 -5.87 -12.73 -29.16
CA ASN A 216 -6.87 -13.73 -28.76
C ASN A 216 -6.31 -15.14 -28.65
N LYS A 217 -5.01 -15.28 -28.37
CA LYS A 217 -4.43 -16.59 -28.08
C LYS A 217 -4.31 -16.85 -26.59
N LEU A 218 -4.35 -15.80 -25.79
CA LEU A 218 -4.35 -15.87 -24.35
C LEU A 218 -5.55 -15.05 -23.88
N HIS A 219 -6.37 -15.64 -23.02
CA HIS A 219 -7.58 -14.93 -22.62
C HIS A 219 -7.36 -14.07 -21.40
N ALA A 220 -6.42 -14.41 -20.51
CA ALA A 220 -6.16 -13.59 -19.34
C ALA A 220 -4.70 -13.71 -18.97
N PHE A 221 -4.06 -12.58 -18.69
CA PHE A 221 -2.65 -12.54 -18.29
C PHE A 221 -2.59 -12.01 -16.87
N ILE A 222 -1.94 -12.76 -15.99
CA ILE A 222 -1.87 -12.39 -14.57
C ILE A 222 -0.52 -11.74 -14.31
N TRP A 223 -0.52 -10.51 -13.81
CA TRP A 223 0.73 -9.78 -13.71
C TRP A 223 0.60 -8.61 -12.73
N ASP A 224 1.74 -7.96 -12.47
N ASP A 224 1.74 -7.95 -12.50
CA ASP A 224 1.75 -6.85 -11.51
CA ASP A 224 1.81 -6.77 -11.63
C ASP A 224 0.83 -5.75 -11.99
C ASP A 224 0.79 -5.71 -12.04
N SER A 225 -0.01 -5.26 -11.07
CA SER A 225 -1.04 -4.27 -11.41
C SER A 225 -0.46 -2.93 -11.88
N ALA A 226 0.67 -2.51 -11.34
CA ALA A 226 1.24 -1.25 -11.81
C ALA A 226 1.51 -1.31 -13.31
N VAL A 227 2.19 -2.38 -13.75
CA VAL A 227 2.43 -2.59 -15.18
C VAL A 227 1.11 -2.70 -15.95
N LEU A 228 0.21 -3.58 -15.49
CA LEU A 228 -1.00 -3.82 -16.28
C LEU A 228 -1.87 -2.57 -16.37
N GLU A 229 -1.88 -1.74 -15.32
CA GLU A 229 -2.65 -0.50 -15.43
C GLU A 229 -2.02 0.42 -16.46
N PHE A 230 -0.69 0.46 -16.51
CA PHE A 230 0.02 1.22 -17.54
C PHE A 230 -0.30 0.66 -18.92
N GLU A 231 -0.30 -0.66 -19.07
CA GLU A 231 -0.60 -1.21 -20.39
C GLU A 231 -2.03 -0.86 -20.80
N ALA A 232 -2.98 -1.04 -19.89
CA ALA A 232 -4.35 -0.64 -20.21
C ALA A 232 -4.42 0.83 -20.58
N SER A 233 -3.56 1.67 -20.01
CA SER A 233 -3.70 3.09 -20.28
C SER A 233 -3.34 3.44 -21.73
N GLN A 234 -2.46 2.67 -22.39
CA GLN A 234 -2.11 2.99 -23.78
C GLN A 234 -2.85 2.16 -24.80
N LYS A 235 -3.39 1.03 -24.41
CA LYS A 235 -3.93 0.05 -25.36
C LYS A 235 -5.41 -0.10 -25.02
N CYS A 236 -6.26 0.59 -25.78
CA CYS A 236 -7.65 0.75 -25.41
C CYS A 236 -8.48 -0.53 -25.59
N ASP A 237 -7.95 -1.53 -26.29
CA ASP A 237 -8.60 -2.84 -26.45
C ASP A 237 -8.39 -3.78 -25.27
N LEU A 238 -7.57 -3.39 -24.29
CA LEU A 238 -7.20 -4.24 -23.16
C LEU A 238 -7.64 -3.58 -21.86
N VAL A 239 -8.12 -4.36 -20.90
CA VAL A 239 -8.47 -3.78 -19.61
C VAL A 239 -7.98 -4.69 -18.51
N THR A 240 -7.80 -4.11 -17.33
CA THR A 240 -7.69 -4.91 -16.13
C THR A 240 -9.09 -5.24 -15.63
N THR A 241 -9.17 -6.30 -14.84
CA THR A 241 -10.48 -6.74 -14.38
C THR A 241 -10.32 -7.46 -13.06
N GLY A 242 -11.36 -7.34 -12.22
CA GLY A 242 -11.39 -8.00 -10.93
C GLY A 242 -10.69 -7.21 -9.85
N GLU A 243 -10.80 -7.72 -8.63
CA GLU A 243 -10.13 -7.07 -7.51
C GLU A 243 -8.65 -7.46 -7.49
N LEU A 244 -7.82 -6.52 -6.99
CA LEU A 244 -6.43 -6.83 -6.76
C LEU A 244 -6.30 -7.96 -5.76
N PHE A 245 -5.28 -8.79 -5.94
CA PHE A 245 -4.96 -9.77 -4.93
C PHE A 245 -3.46 -9.82 -4.74
N PHE A 246 -3.06 -10.46 -3.66
CA PHE A 246 -1.65 -10.55 -3.29
C PHE A 246 -1.02 -9.14 -3.33
N ARG A 247 -1.64 -8.24 -2.57
CA ARG A 247 -1.16 -6.87 -2.50
C ARG A 247 0.27 -6.84 -1.97
N SER A 248 1.01 -5.85 -2.45
CA SER A 248 2.42 -5.71 -2.13
C SER A 248 2.77 -4.23 -2.32
N GLY A 249 4.00 -3.89 -1.96
CA GLY A 249 4.45 -2.51 -2.11
C GLY A 249 5.88 -2.53 -2.57
N PHE A 250 6.26 -1.44 -3.25
CA PHE A 250 7.64 -1.17 -3.65
C PHE A 250 8.28 -0.19 -2.67
N GLY A 251 9.53 -0.45 -2.31
CA GLY A 251 10.22 0.40 -1.35
C GLY A 251 11.61 0.71 -1.85
N ILE A 252 12.15 1.84 -1.35
CA ILE A 252 13.58 2.13 -1.54
C ILE A 252 14.37 1.17 -0.66
N GLY A 253 15.47 0.61 -1.17
CA GLY A 253 16.28 -0.35 -0.42
C GLY A 253 17.60 0.27 0.00
N MET A 254 17.97 0.05 1.26
CA MET A 254 19.22 0.55 1.84
C MET A 254 19.80 -0.54 2.72
N ARG A 255 21.12 -0.48 2.99
CA ARG A 255 21.71 -1.43 3.93
C ARG A 255 21.23 -1.16 5.37
N LYS A 256 21.40 -2.17 6.23
N LYS A 256 21.40 -2.18 6.22
CA LYS A 256 20.98 -2.10 7.63
CA LYS A 256 20.99 -2.10 7.62
C LYS A 256 21.52 -0.87 8.34
C LYS A 256 21.50 -0.83 8.28
N ASP A 257 22.77 -0.50 8.08
CA ASP A 257 23.38 0.58 8.86
C ASP A 257 23.11 1.98 8.28
N SER A 258 22.15 2.14 7.38
CA SER A 258 22.18 3.36 6.57
C SER A 258 21.69 4.56 7.37
N PRO A 259 22.42 5.69 7.35
CA PRO A 259 21.93 6.90 8.02
C PRO A 259 20.83 7.63 7.25
N TRP A 260 20.45 7.13 6.08
CA TRP A 260 19.41 7.77 5.28
C TRP A 260 18.04 7.15 5.49
N LYS A 261 17.97 5.99 6.16
CA LYS A 261 16.71 5.24 6.12
C LYS A 261 15.55 6.02 6.75
N GLN A 262 15.77 6.62 7.91
CA GLN A 262 14.63 7.28 8.56
C GLN A 262 14.08 8.40 7.69
N ASN A 263 14.96 9.28 7.20
CA ASN A 263 14.44 10.42 6.46
C ASN A 263 13.97 10.06 5.07
N VAL A 264 14.51 9.03 4.45
CA VAL A 264 13.95 8.59 3.17
C VAL A 264 12.51 8.16 3.36
N SER A 265 12.24 7.46 4.44
CA SER A 265 10.88 6.97 4.66
C SER A 265 9.93 8.12 4.99
N LEU A 266 10.35 9.05 5.87
CA LEU A 266 9.52 10.21 6.14
C LEU A 266 9.25 11.02 4.86
N SER A 267 10.27 11.14 3.98
CA SER A 267 10.05 11.89 2.75
C SER A 267 9.01 11.21 1.86
N ILE A 268 9.02 9.87 1.82
CA ILE A 268 8.03 9.15 1.01
C ILE A 268 6.63 9.35 1.58
N LEU A 269 6.47 9.25 2.91
CA LEU A 269 5.19 9.57 3.53
C LEU A 269 4.73 10.98 3.17
N LYS A 270 5.65 11.94 3.27
CA LYS A 270 5.31 13.34 2.98
C LYS A 270 4.83 13.48 1.55
N SER A 271 5.48 12.79 0.63
CA SER A 271 5.15 12.88 -0.79
C SER A 271 3.82 12.20 -1.11
N HIS A 272 3.46 11.13 -0.40
CA HIS A 272 2.10 10.61 -0.57
C HIS A 272 1.09 11.65 -0.10
N GLU A 273 1.34 12.22 1.09
CA GLU A 273 0.34 13.06 1.75
C GLU A 273 0.14 14.39 1.03
N ASN A 274 1.16 14.92 0.36
CA ASN A 274 1.01 16.23 -0.27
C ASN A 274 0.62 16.15 -1.75
N GLY A 275 0.38 14.94 -2.27
CA GLY A 275 -0.10 14.80 -3.63
C GLY A 275 0.99 14.60 -4.65
N PHE A 276 2.25 14.65 -4.23
CA PHE A 276 3.34 14.43 -5.19
C PHE A 276 3.23 13.05 -5.83
N MET A 277 2.98 12.03 -5.03
CA MET A 277 2.92 10.67 -5.53
C MET A 277 1.74 10.51 -6.46
N GLU A 278 0.61 11.16 -6.15
CA GLU A 278 -0.52 11.12 -7.08
C GLU A 278 -0.15 11.76 -8.42
N ASP A 279 0.63 12.85 -8.38
N ASP A 279 0.63 12.85 -8.40
CA ASP A 279 1.06 13.49 -9.63
CA ASP A 279 1.03 13.45 -9.67
C ASP A 279 1.92 12.53 -10.45
C ASP A 279 1.91 12.50 -10.46
N LEU A 280 2.79 11.77 -9.78
CA LEU A 280 3.63 10.80 -10.51
C LEU A 280 2.75 9.73 -11.12
N ASP A 281 1.72 9.31 -10.38
CA ASP A 281 0.81 8.31 -10.89
C ASP A 281 0.12 8.79 -12.16
N LYS A 282 -0.36 10.05 -12.15
CA LYS A 282 -1.08 10.53 -13.33
C LYS A 282 -0.12 10.77 -14.50
N THR A 283 1.13 11.08 -14.21
CA THR A 283 2.11 11.32 -15.26
C THR A 283 2.55 10.04 -15.94
N TRP A 284 2.83 8.98 -15.17
CA TRP A 284 3.51 7.80 -15.67
C TRP A 284 2.65 6.55 -15.82
N VAL A 285 1.60 6.41 -14.99
CA VAL A 285 0.85 5.17 -14.91
C VAL A 285 -0.53 5.29 -15.54
N ARG A 286 -1.03 6.51 -15.77
CA ARG A 286 -2.32 6.80 -16.40
C ARG A 286 -2.13 7.55 -17.73
N TYR A 287 -3.25 7.97 -18.33
CA TYR A 287 -3.28 8.58 -19.65
C TYR A 287 -4.71 9.04 -20.01
N ASP B 3 10.50 -8.60 30.16
CA ASP B 3 9.20 -9.24 30.35
C ASP B 3 8.41 -9.26 29.02
N ASN B 4 7.60 -10.31 28.84
CA ASN B 4 6.90 -10.55 27.58
C ASN B 4 5.39 -10.40 27.69
N HIS B 5 4.87 -9.80 28.76
CA HIS B 5 3.46 -9.47 28.92
C HIS B 5 3.27 -7.99 28.62
N LEU B 6 2.45 -7.66 27.62
CA LEU B 6 2.47 -6.33 27.03
C LEU B 6 1.12 -5.63 27.18
N SER B 7 1.15 -4.36 27.56
CA SER B 7 -0.04 -3.54 27.48
C SER B 7 -0.28 -3.07 26.05
N ILE B 8 -1.45 -3.36 25.49
CA ILE B 8 -1.77 -3.01 24.11
C ILE B 8 -3.10 -2.29 24.05
N VAL B 9 -3.16 -1.21 23.25
CA VAL B 9 -4.35 -0.38 23.12
C VAL B 9 -4.98 -0.59 21.75
N THR B 10 -6.29 -0.44 21.71
CA THR B 10 -7.06 -0.57 20.47
C THR B 10 -8.26 0.37 20.56
N LEU B 11 -9.07 0.35 19.52
CA LEU B 11 -10.19 1.25 19.33
C LEU B 11 -11.19 0.55 18.43
N GLU B 12 -12.49 0.61 18.75
CA GLU B 12 -13.46 -0.08 17.91
C GLU B 12 -13.62 0.63 16.57
N GLU B 13 -13.56 -0.14 15.48
CA GLU B 13 -13.90 0.36 14.14
C GLU B 13 -14.10 -0.88 13.26
N ALA B 14 -15.36 -1.23 13.03
CA ALA B 14 -15.65 -2.43 12.24
C ALA B 14 -15.15 -2.26 10.81
N PRO B 15 -14.65 -3.32 10.19
CA PRO B 15 -14.51 -4.70 10.65
C PRO B 15 -13.11 -4.99 11.20
N PHE B 16 -12.35 -3.92 11.46
CA PHE B 16 -10.99 -4.10 11.94
C PHE B 16 -10.97 -4.43 13.41
N VAL B 17 -11.79 -3.75 14.22
CA VAL B 17 -11.96 -4.05 15.64
C VAL B 17 -13.44 -3.92 15.97
N ILE B 18 -14.04 -4.99 16.45
CA ILE B 18 -15.46 -5.06 16.79
C ILE B 18 -15.57 -5.46 18.24
N VAL B 19 -16.39 -4.75 19.01
CA VAL B 19 -16.50 -4.98 20.45
C VAL B 19 -17.83 -5.67 20.73
N GLU B 20 -17.78 -6.71 21.53
CA GLU B 20 -18.95 -7.45 21.97
C GLU B 20 -18.98 -7.48 23.49
N ASP B 21 -20.19 -7.64 24.04
CA ASP B 21 -20.28 -7.92 25.46
C ASP B 21 -19.82 -9.36 25.74
N ILE B 22 -19.28 -9.56 26.94
CA ILE B 22 -18.89 -10.90 27.33
C ILE B 22 -20.15 -11.74 27.54
N ASP B 23 -20.05 -13.05 27.33
CA ASP B 23 -21.21 -13.92 27.52
C ASP B 23 -21.58 -13.92 29.00
N PRO B 24 -22.81 -13.52 29.38
CA PRO B 24 -23.10 -13.31 30.81
C PRO B 24 -23.09 -14.59 31.64
N LEU B 25 -23.34 -15.75 31.05
CA LEU B 25 -23.34 -16.99 31.83
C LEU B 25 -21.94 -17.48 32.15
N THR B 26 -20.96 -17.25 31.27
CA THR B 26 -19.61 -17.79 31.45
C THR B 26 -18.57 -16.75 31.85
N GLU B 27 -18.85 -15.46 31.62
CA GLU B 27 -17.88 -14.38 31.85
C GLU B 27 -16.56 -14.68 31.13
N THR B 28 -16.64 -15.36 29.99
CA THR B 28 -15.46 -15.61 29.18
C THR B 28 -15.70 -15.14 27.76
N CYS B 29 -14.60 -14.77 27.11
CA CYS B 29 -14.58 -14.49 25.68
C CYS B 29 -14.27 -15.77 24.93
N VAL B 30 -15.20 -16.20 24.09
CA VAL B 30 -15.06 -17.47 23.36
C VAL B 30 -14.93 -17.20 21.87
N ARG B 31 -15.08 -18.27 21.07
CA ARG B 31 -15.09 -18.21 19.60
C ARG B 31 -13.84 -17.44 19.16
N ASN B 32 -13.97 -16.46 18.27
CA ASN B 32 -12.82 -15.80 17.67
C ASN B 32 -12.39 -14.57 18.45
N THR B 33 -12.87 -14.41 19.68
CA THR B 33 -12.71 -13.16 20.41
C THR B 33 -11.58 -13.25 21.43
N VAL B 34 -11.09 -12.09 21.85
CA VAL B 34 -10.08 -12.00 22.91
C VAL B 34 -10.57 -11.03 23.98
N PRO B 35 -10.15 -11.18 25.23
CA PRO B 35 -10.56 -10.20 26.25
C PRO B 35 -10.02 -8.82 25.93
N CYS B 36 -10.83 -7.81 26.21
N CYS B 36 -10.81 -7.82 26.26
CA CYS B 36 -10.42 -6.42 26.09
CA CYS B 36 -10.43 -6.42 26.11
C CYS B 36 -11.22 -5.61 27.09
C CYS B 36 -11.23 -5.62 27.11
N ARG B 37 -10.58 -4.70 27.80
CA ARG B 37 -11.22 -3.94 28.85
C ARG B 37 -11.46 -2.50 28.41
N LYS B 38 -12.48 -1.90 29.00
CA LYS B 38 -12.89 -0.53 28.71
C LYS B 38 -13.20 0.18 30.01
N PHE B 39 -12.54 1.32 30.24
CA PHE B 39 -12.83 2.15 31.41
C PHE B 39 -14.13 2.91 31.20
N VAL B 40 -15.09 2.71 32.11
CA VAL B 40 -16.43 3.31 32.02
C VAL B 40 -16.72 4.06 33.31
N LYS B 41 -17.14 5.32 33.19
CA LYS B 41 -17.45 6.15 34.37
C LYS B 41 -18.71 5.69 35.10
N ILE B 42 -18.70 5.86 36.43
CA ILE B 42 -19.88 5.63 37.25
C ILE B 42 -20.92 6.72 37.01
N ASN B 43 -20.49 7.98 36.97
CA ASN B 43 -21.39 9.12 36.83
C ASN B 43 -20.57 10.27 36.22
N ASN B 44 -21.20 11.45 36.09
CA ASN B 44 -20.56 12.59 35.46
C ASN B 44 -19.94 13.57 36.45
N SER B 45 -20.12 13.32 37.75
CA SER B 45 -19.58 14.24 38.75
C SER B 45 -18.11 13.94 39.09
N THR B 46 -17.77 12.70 39.35
CA THR B 46 -16.40 12.31 39.66
C THR B 46 -15.82 11.54 38.47
N ASN B 47 -14.53 11.24 38.53
CA ASN B 47 -13.90 10.50 37.45
C ASN B 47 -13.68 9.05 37.84
N GLU B 48 -14.37 8.60 38.88
CA GLU B 48 -14.35 7.21 39.31
C GLU B 48 -15.01 6.35 38.24
N GLY B 49 -14.47 5.14 38.04
CA GLY B 49 -14.94 4.29 36.97
C GLY B 49 -14.53 2.86 37.22
N MET B 50 -14.94 2.00 36.30
CA MET B 50 -14.71 0.57 36.34
C MET B 50 -14.05 0.11 35.06
N ASN B 51 -13.10 -0.80 35.17
CA ASN B 51 -12.55 -1.44 33.97
C ASN B 51 -13.47 -2.59 33.63
N VAL B 52 -14.30 -2.38 32.63
CA VAL B 52 -15.31 -3.34 32.21
C VAL B 52 -14.69 -4.38 31.30
N LYS B 53 -14.92 -5.65 31.59
CA LYS B 53 -14.45 -6.75 30.75
C LYS B 53 -15.40 -6.94 29.57
N LYS B 54 -14.86 -6.79 28.38
CA LYS B 54 -15.55 -7.01 27.11
C LYS B 54 -14.74 -8.01 26.27
N CYS B 55 -15.21 -8.24 25.05
CA CYS B 55 -14.57 -9.13 24.09
C CYS B 55 -14.41 -8.42 22.75
N CYS B 56 -13.30 -8.68 22.06
N CYS B 56 -13.26 -8.63 22.09
CA CYS B 56 -12.92 -7.96 20.86
CA CYS B 56 -12.89 -7.98 20.85
C CYS B 56 -12.55 -8.94 19.76
C CYS B 56 -12.65 -9.04 19.76
N LYS B 57 -13.01 -8.67 18.53
CA LYS B 57 -12.71 -9.51 17.37
C LYS B 57 -12.53 -8.60 16.15
N GLY B 58 -12.10 -9.21 15.05
CA GLY B 58 -11.97 -8.52 13.77
C GLY B 58 -10.61 -8.75 13.13
N PHE B 59 -10.46 -8.14 11.95
CA PHE B 59 -9.24 -8.28 11.17
C PHE B 59 -8.01 -7.96 12.00
N CYS B 60 -8.01 -6.81 12.70
CA CYS B 60 -6.81 -6.42 13.42
C CYS B 60 -6.58 -7.28 14.66
N ILE B 61 -7.67 -7.80 15.23
CA ILE B 61 -7.54 -8.71 16.37
C ILE B 61 -6.91 -10.02 15.92
N ASP B 62 -7.30 -10.52 14.74
CA ASP B 62 -6.65 -11.72 14.24
C ASP B 62 -5.17 -11.47 13.96
N ILE B 63 -4.82 -10.28 13.49
CA ILE B 63 -3.40 -9.94 13.31
C ILE B 63 -2.69 -10.00 14.66
N LEU B 64 -3.31 -9.41 15.69
CA LEU B 64 -2.71 -9.44 17.01
C LEU B 64 -2.49 -10.88 17.48
N LYS B 65 -3.51 -11.73 17.30
CA LYS B 65 -3.37 -13.12 17.76
C LYS B 65 -2.22 -13.80 17.05
N LYS B 66 -2.06 -13.53 15.76
CA LYS B 66 -0.98 -14.15 15.01
C LYS B 66 0.39 -13.65 15.46
N LEU B 67 0.49 -12.36 15.72
CA LEU B 67 1.74 -11.76 16.19
C LEU B 67 2.09 -12.29 17.57
N SER B 68 1.09 -12.38 18.44
CA SER B 68 1.34 -12.88 19.79
C SER B 68 1.94 -14.26 19.74
N ARG B 69 1.44 -15.11 18.82
CA ARG B 69 1.91 -16.47 18.67
C ARG B 69 3.31 -16.51 18.06
N THR B 70 3.50 -15.78 16.97
CA THR B 70 4.74 -15.89 16.20
C THR B 70 5.90 -15.19 16.89
N VAL B 71 5.65 -13.99 17.41
CA VAL B 71 6.65 -13.20 18.10
C VAL B 71 6.77 -13.55 19.56
N LYS B 72 5.80 -14.31 20.11
CA LYS B 72 5.90 -14.85 21.46
C LYS B 72 5.78 -13.79 22.55
N PHE B 73 4.60 -13.16 22.64
CA PHE B 73 4.26 -12.30 23.76
C PHE B 73 2.83 -12.59 24.16
N THR B 74 2.46 -12.23 25.37
CA THR B 74 1.08 -12.17 25.82
C THR B 74 0.74 -10.71 26.05
N TYR B 75 -0.54 -10.42 26.30
CA TYR B 75 -0.94 -9.03 26.29
C TYR B 75 -2.19 -8.81 27.13
N ASP B 76 -2.32 -7.55 27.59
CA ASP B 76 -3.51 -7.01 28.24
C ASP B 76 -4.07 -5.93 27.32
N LEU B 77 -5.18 -6.23 26.67
CA LEU B 77 -5.72 -5.36 25.63
C LEU B 77 -6.77 -4.43 26.24
N TYR B 78 -6.68 -3.14 25.93
CA TYR B 78 -7.66 -2.18 26.44
C TYR B 78 -8.07 -1.24 25.31
N LEU B 79 -9.26 -0.68 25.46
CA LEU B 79 -9.83 0.24 24.49
C LEU B 79 -9.54 1.66 24.96
N VAL B 80 -9.02 2.51 24.08
CA VAL B 80 -8.73 3.87 24.46
C VAL B 80 -10.03 4.61 24.77
N THR B 81 -10.00 5.48 25.79
CA THR B 81 -11.18 6.29 26.12
C THR B 81 -10.89 7.78 26.09
N ASN B 82 -9.64 8.18 25.84
CA ASN B 82 -9.20 9.55 25.73
C ASN B 82 -8.94 9.81 24.25
N GLY B 83 -9.95 10.25 23.53
CA GLY B 83 -9.83 10.42 22.08
C GLY B 83 -10.03 9.11 21.31
N LYS B 84 -9.66 9.14 20.03
CA LYS B 84 -9.87 8.03 19.11
C LYS B 84 -8.53 7.54 18.54
N HIS B 85 -8.31 7.72 17.22
CA HIS B 85 -7.09 7.19 16.62
C HIS B 85 -5.87 7.95 17.08
N GLY B 86 -5.93 9.26 16.99
CA GLY B 86 -4.81 10.05 17.47
C GLY B 86 -4.82 11.45 16.88
N LYS B 87 -4.79 12.45 17.74
CA LYS B 87 -4.64 13.84 17.33
C LYS B 87 -3.81 14.59 18.36
N LYS B 88 -2.97 15.51 17.88
CA LYS B 88 -2.19 16.38 18.76
C LYS B 88 -3.06 17.59 19.08
N VAL B 89 -3.42 17.75 20.36
CA VAL B 89 -4.27 18.85 20.83
C VAL B 89 -3.49 19.64 21.86
N ASN B 90 -3.32 20.93 21.63
CA ASN B 90 -2.52 21.75 22.55
C ASN B 90 -1.16 21.12 22.83
N ASN B 91 -0.55 20.59 21.79
CA ASN B 91 0.78 20.01 21.82
C ASN B 91 0.86 18.68 22.56
N VAL B 92 -0.28 18.01 22.79
CA VAL B 92 -0.35 16.75 23.53
C VAL B 92 -1.14 15.73 22.71
N TRP B 93 -0.51 14.59 22.40
CA TRP B 93 -1.19 13.57 21.62
C TRP B 93 -2.24 12.84 22.44
N ASN B 94 -3.43 12.64 21.87
CA ASN B 94 -4.47 11.80 22.48
C ASN B 94 -4.70 10.54 21.66
N GLY B 95 -5.75 9.78 22.00
CA GLY B 95 -6.10 8.59 21.25
C GLY B 95 -5.06 7.49 21.40
N MET B 96 -5.13 6.54 20.46
CA MET B 96 -4.21 5.40 20.44
C MET B 96 -2.76 5.86 20.37
N ILE B 97 -2.48 6.86 19.53
CA ILE B 97 -1.11 7.39 19.44
C ILE B 97 -0.64 7.90 20.81
N GLY B 98 -1.48 8.68 21.46
CA GLY B 98 -1.11 9.20 22.78
C GLY B 98 -0.81 8.13 23.81
N GLU B 99 -1.57 7.02 23.78
CA GLU B 99 -1.31 5.96 24.74
C GLU B 99 0.10 5.38 24.55
N VAL B 100 0.58 5.33 23.31
CA VAL B 100 1.91 4.80 23.04
C VAL B 100 2.97 5.83 23.41
N VAL B 101 2.77 7.10 23.02
CA VAL B 101 3.74 8.17 23.27
C VAL B 101 3.99 8.30 24.75
N TYR B 102 2.93 8.26 25.56
CA TYR B 102 3.03 8.43 27.00
C TYR B 102 3.20 7.10 27.74
N GLN B 103 3.47 6.01 27.00
CA GLN B 103 3.98 4.77 27.57
C GLN B 103 2.95 3.99 28.39
N ARG B 104 1.67 4.27 28.18
CA ARG B 104 0.62 3.43 28.75
C ARG B 104 0.42 2.15 27.95
N ALA B 105 0.81 2.14 26.69
CA ALA B 105 0.74 0.96 25.84
C ALA B 105 2.09 0.75 25.16
N VAL B 106 2.52 -0.51 25.11
CA VAL B 106 3.67 -0.91 24.31
C VAL B 106 3.35 -0.77 22.82
N MET B 107 2.10 -1.06 22.44
CA MET B 107 1.75 -0.98 21.03
C MET B 107 0.27 -0.65 20.90
N ALA B 108 -0.10 -0.17 19.72
CA ALA B 108 -1.46 0.15 19.35
C ALA B 108 -1.80 -0.68 18.12
N VAL B 109 -2.90 -1.42 18.18
CA VAL B 109 -3.35 -2.30 17.13
C VAL B 109 -4.77 -1.89 16.74
N GLY B 110 -4.96 -1.56 15.46
CA GLY B 110 -6.29 -1.17 15.01
C GLY B 110 -6.24 -0.55 13.63
N SER B 111 -7.29 0.18 13.31
CA SER B 111 -7.40 0.85 12.01
C SER B 111 -6.63 2.17 12.06
N LEU B 112 -5.32 2.05 12.35
CA LEU B 112 -4.44 3.19 12.66
C LEU B 112 -3.60 3.60 11.45
N THR B 113 -3.92 4.75 10.86
CA THR B 113 -3.24 5.20 9.64
C THR B 113 -1.82 5.72 9.90
N ILE B 114 -0.86 5.18 9.12
CA ILE B 114 0.50 5.68 9.06
C ILE B 114 0.51 7.04 8.38
N ASN B 115 1.00 8.06 9.07
CA ASN B 115 1.33 9.31 8.40
C ASN B 115 2.60 9.92 9.00
N GLU B 116 3.07 10.97 8.34
CA GLU B 116 4.37 11.55 8.68
C GLU B 116 4.39 12.09 10.11
N GLU B 117 3.37 12.89 10.50
CA GLU B 117 3.45 13.52 11.82
C GLU B 117 3.38 12.49 12.95
N ARG B 118 2.59 11.42 12.79
CA ARG B 118 2.58 10.36 13.80
C ARG B 118 3.93 9.65 13.86
N SER B 119 4.59 9.49 12.73
CA SER B 119 5.86 8.78 12.70
C SER B 119 6.97 9.55 13.37
N GLU B 120 6.76 10.83 13.67
CA GLU B 120 7.73 11.60 14.43
C GLU B 120 7.69 11.25 15.91
N VAL B 121 6.60 10.68 16.41
CA VAL B 121 6.49 10.45 17.85
C VAL B 121 6.28 8.99 18.20
N VAL B 122 5.90 8.14 17.23
CA VAL B 122 5.90 6.69 17.36
C VAL B 122 6.61 6.08 16.15
N ASP B 123 6.99 4.81 16.27
CA ASP B 123 7.44 3.99 15.15
C ASP B 123 6.26 3.18 14.64
N PHE B 124 6.18 2.99 13.31
CA PHE B 124 5.15 2.13 12.71
C PHE B 124 5.76 0.88 12.10
N SER B 125 5.08 -0.25 12.27
CA SER B 125 5.43 -1.46 11.53
C SER B 125 5.21 -1.22 10.04
N VAL B 126 5.65 -2.17 9.24
CA VAL B 126 5.23 -2.21 7.83
C VAL B 126 3.70 -2.14 7.76
N PRO B 127 3.15 -1.56 6.71
CA PRO B 127 1.69 -1.55 6.55
C PRO B 127 1.17 -2.96 6.38
N PHE B 128 0.02 -3.24 7.03
CA PHE B 128 -0.62 -4.56 6.89
C PHE B 128 -2.04 -4.48 6.30
N VAL B 129 -2.56 -3.29 6.04
CA VAL B 129 -3.75 -3.01 5.23
C VAL B 129 -3.44 -1.78 4.39
N GLU B 130 -3.74 -1.81 3.10
CA GLU B 130 -3.61 -0.60 2.28
C GLU B 130 -4.77 0.34 2.55
N THR B 131 -4.49 1.61 2.78
CA THR B 131 -5.58 2.58 2.94
C THR B 131 -5.12 3.94 2.40
N GLY B 132 -5.76 4.99 2.83
CA GLY B 132 -5.53 6.32 2.32
C GLY B 132 -6.83 7.11 2.48
N ILE B 133 -7.06 8.04 1.57
CA ILE B 133 -8.29 8.83 1.54
C ILE B 133 -9.07 8.51 0.29
N SER B 134 -10.34 8.13 0.46
CA SER B 134 -11.28 7.95 -0.64
C SER B 134 -12.49 8.85 -0.42
N VAL B 135 -13.32 8.89 -1.44
CA VAL B 135 -14.55 9.69 -1.46
C VAL B 135 -15.70 8.78 -1.75
N MET B 136 -16.69 8.78 -0.88
CA MET B 136 -17.90 8.01 -1.10
CA MET B 136 -17.90 8.02 -1.09
C MET B 136 -19.03 8.93 -1.53
N VAL B 137 -19.78 8.49 -2.54
CA VAL B 137 -20.93 9.22 -3.07
C VAL B 137 -22.07 8.24 -3.28
N SER B 138 -23.25 8.81 -3.50
CA SER B 138 -24.32 8.04 -4.10
C SER B 138 -24.06 7.85 -5.60
N ARG B 139 -24.17 6.62 -6.08
CA ARG B 139 -23.91 6.33 -7.49
C ARG B 139 -24.60 7.35 -8.39
N GLY B 140 -23.84 7.90 -9.33
CA GLY B 140 -24.30 8.95 -10.23
C GLY B 140 -23.62 10.29 -9.99
N THR B 141 -23.19 10.55 -8.76
CA THR B 141 -22.56 11.81 -8.42
C THR B 141 -21.15 11.83 -9.00
N GLN B 142 -20.78 12.94 -9.65
CA GLN B 142 -19.51 13.04 -10.36
C GLN B 142 -18.48 13.81 -9.55
N VAL B 143 -17.34 13.17 -9.31
CA VAL B 143 -16.20 13.74 -8.60
C VAL B 143 -14.95 13.11 -9.17
N THR B 144 -13.96 13.93 -9.51
CA THR B 144 -12.75 13.39 -10.14
C THR B 144 -11.72 12.91 -9.13
N GLY B 145 -11.77 13.41 -7.91
CA GLY B 145 -10.74 13.17 -6.93
C GLY B 145 -10.72 14.37 -5.98
N LEU B 146 -9.68 14.43 -5.15
CA LEU B 146 -9.66 15.47 -4.14
C LEU B 146 -9.41 16.84 -4.74
N SER B 147 -8.78 16.90 -5.91
N SER B 147 -8.78 16.90 -5.91
CA SER B 147 -8.53 18.18 -6.56
CA SER B 147 -8.51 18.16 -6.59
C SER B 147 -9.74 18.69 -7.34
C SER B 147 -9.73 18.67 -7.36
N ASP B 148 -10.84 17.95 -7.36
CA ASP B 148 -12.05 18.44 -8.01
C ASP B 148 -12.34 19.86 -7.55
N LYS B 149 -12.65 20.73 -8.50
CA LYS B 149 -12.94 22.12 -8.20
C LYS B 149 -14.09 22.28 -7.21
N LYS B 150 -15.04 21.33 -7.21
CA LYS B 150 -16.17 21.45 -6.28
C LYS B 150 -15.71 21.35 -4.83
N PHE B 151 -14.60 20.63 -4.57
CA PHE B 151 -13.96 20.58 -3.26
C PHE B 151 -13.00 21.75 -3.02
N GLN B 152 -12.18 22.10 -4.02
CA GLN B 152 -11.07 23.03 -3.80
C GLN B 152 -11.53 24.48 -3.70
N ARG B 153 -12.57 24.86 -4.45
CA ARG B 153 -13.11 26.21 -4.50
C ARG B 153 -14.63 26.08 -4.41
N PRO B 154 -15.13 25.65 -3.25
CA PRO B 154 -16.53 25.18 -3.19
C PRO B 154 -17.55 26.26 -3.53
N HIS B 155 -17.26 27.52 -3.24
N HIS B 155 -17.26 27.53 -3.23
CA HIS B 155 -18.23 28.57 -3.52
CA HIS B 155 -18.23 28.59 -3.51
C HIS B 155 -18.22 29.02 -4.97
C HIS B 155 -18.22 29.02 -4.97
N ASP B 156 -17.39 28.41 -5.82
CA ASP B 156 -17.53 28.64 -7.24
C ASP B 156 -18.78 27.97 -7.82
N TYR B 157 -19.53 27.20 -7.01
CA TYR B 157 -20.72 26.50 -7.49
C TYR B 157 -21.95 26.93 -6.69
N SER B 158 -23.08 26.99 -7.38
CA SER B 158 -24.36 27.36 -6.78
C SER B 158 -25.41 26.29 -7.04
N PRO B 159 -25.90 25.59 -6.02
CA PRO B 159 -25.45 25.59 -4.63
C PRO B 159 -24.08 24.93 -4.51
N PRO B 160 -23.35 25.27 -3.46
CA PRO B 160 -22.07 24.59 -3.23
C PRO B 160 -22.27 23.13 -2.84
N PHE B 161 -21.24 22.35 -3.15
CA PHE B 161 -21.23 20.92 -2.90
C PHE B 161 -21.16 20.66 -1.41
N ARG B 162 -21.94 19.69 -0.94
CA ARG B 162 -22.02 19.39 0.49
C ARG B 162 -21.16 18.17 0.76
N PHE B 163 -20.03 18.37 1.42
CA PHE B 163 -19.12 17.26 1.65
C PHE B 163 -18.45 17.41 3.02
N GLY B 164 -18.15 16.29 3.66
CA GLY B 164 -17.59 16.33 4.99
C GLY B 164 -16.80 15.07 5.30
N THR B 165 -16.17 15.09 6.48
CA THR B 165 -15.44 13.96 7.00
C THR B 165 -15.86 13.77 8.47
N VAL B 166 -15.30 12.75 9.09
CA VAL B 166 -15.34 12.60 10.55
C VAL B 166 -14.08 13.28 11.08
N PRO B 167 -14.20 14.29 11.91
CA PRO B 167 -13.03 15.10 12.27
C PRO B 167 -12.07 14.37 13.18
N ASN B 168 -10.87 14.93 13.24
CA ASN B 168 -9.87 14.68 14.28
C ASN B 168 -9.00 13.46 14.00
N GLY B 169 -9.15 12.86 12.83
CA GLY B 169 -8.31 11.78 12.36
C GLY B 169 -7.34 12.19 11.26
N SER B 170 -6.70 11.16 10.66
CA SER B 170 -5.69 11.40 9.64
C SER B 170 -6.30 12.04 8.40
N THR B 171 -7.56 11.77 8.11
CA THR B 171 -8.13 12.37 6.91
C THR B 171 -8.30 13.88 7.09
N GLU B 172 -8.89 14.31 8.21
CA GLU B 172 -9.03 15.76 8.43
C GLU B 172 -7.66 16.44 8.47
N ARG B 173 -6.68 15.78 9.08
CA ARG B 173 -5.38 16.41 9.22
C ARG B 173 -4.76 16.64 7.85
N ASN B 174 -4.92 15.67 6.95
CA ASN B 174 -4.39 15.81 5.60
C ASN B 174 -5.05 16.95 4.85
N ILE B 175 -6.38 17.04 4.92
CA ILE B 175 -7.08 18.11 4.23
C ILE B 175 -6.72 19.48 4.78
N ARG B 176 -6.64 19.58 6.11
CA ARG B 176 -6.25 20.84 6.76
C ARG B 176 -4.87 21.29 6.31
N ASN B 177 -3.93 20.33 6.20
CA ASN B 177 -2.56 20.69 5.82
C ASN B 177 -2.47 21.09 4.35
N ASN B 178 -3.27 20.48 3.47
CA ASN B 178 -3.07 20.66 2.04
C ASN B 178 -3.94 21.74 1.42
N TYR B 179 -5.18 21.89 1.89
CA TYR B 179 -6.19 22.69 1.19
C TYR B 179 -6.96 23.52 2.20
N PRO B 180 -6.41 24.68 2.59
CA PRO B 180 -7.02 25.42 3.71
C PRO B 180 -8.43 25.88 3.43
N TYR B 181 -8.76 26.32 2.22
CA TYR B 181 -10.11 26.82 1.97
C TYR B 181 -11.13 25.67 2.02
N MET B 182 -10.83 24.59 1.33
CA MET B 182 -11.63 23.37 1.42
C MET B 182 -11.91 23.00 2.86
N HIS B 183 -10.85 22.92 3.65
CA HIS B 183 -10.99 22.42 5.01
C HIS B 183 -11.93 23.31 5.82
N GLN B 184 -11.72 24.62 5.78
CA GLN B 184 -12.55 25.45 6.64
C GLN B 184 -13.99 25.43 6.14
N TYR B 185 -14.19 25.24 4.84
CA TYR B 185 -15.55 25.11 4.31
C TYR B 185 -16.24 23.85 4.85
N MET B 186 -15.51 22.72 4.88
CA MET B 186 -16.02 21.40 5.19
C MET B 186 -16.50 21.23 6.62
N THR B 187 -15.97 22.02 7.53
CA THR B 187 -16.18 21.74 8.95
C THR B 187 -17.64 21.90 9.31
N ARG B 188 -18.42 22.65 8.52
CA ARG B 188 -19.83 22.72 8.83
C ARG B 188 -20.54 21.40 8.51
N PHE B 189 -19.91 20.54 7.70
CA PHE B 189 -20.44 19.22 7.36
C PHE B 189 -19.74 18.11 8.14
N ASN B 190 -19.04 18.44 9.22
CA ASN B 190 -18.46 17.41 10.09
C ASN B 190 -19.53 16.39 10.47
N GLN B 191 -19.19 15.11 10.34
CA GLN B 191 -20.00 13.96 10.72
C GLN B 191 -19.54 13.37 12.06
N ARG B 192 -20.49 13.00 12.90
CA ARG B 192 -20.11 12.46 14.21
C ARG B 192 -19.46 11.09 14.09
N GLY B 193 -19.80 10.34 13.05
CA GLY B 193 -19.27 8.99 12.88
C GLY B 193 -19.62 8.55 11.48
N VAL B 194 -19.07 7.40 11.10
CA VAL B 194 -19.26 6.87 9.76
C VAL B 194 -20.73 6.55 9.49
N GLU B 195 -21.43 5.97 10.47
CA GLU B 195 -22.82 5.57 10.21
C GLU B 195 -23.70 6.78 9.96
N ASP B 196 -23.49 7.86 10.71
CA ASP B 196 -24.28 9.08 10.47
C ASP B 196 -24.08 9.55 9.03
N ALA B 197 -22.82 9.55 8.58
CA ALA B 197 -22.45 10.03 7.25
C ALA B 197 -23.11 9.20 6.16
N LEU B 198 -23.12 7.87 6.34
CA LEU B 198 -23.73 6.98 5.33
C LEU B 198 -25.22 7.24 5.19
N VAL B 199 -25.94 7.39 6.31
CA VAL B 199 -27.34 7.78 6.26
C VAL B 199 -27.51 9.14 5.58
N SER B 200 -26.68 10.12 5.95
CA SER B 200 -26.81 11.44 5.36
C SER B 200 -26.63 11.37 3.84
N LEU B 201 -25.67 10.57 3.37
CA LEU B 201 -25.46 10.41 1.92
C LEU B 201 -26.67 9.77 1.26
N LYS B 202 -27.15 8.68 1.86
CA LYS B 202 -28.13 7.85 1.18
C LYS B 202 -29.45 8.57 1.03
N THR B 203 -29.76 9.46 1.94
CA THR B 203 -30.99 10.22 1.90
C THR B 203 -30.78 11.57 1.23
N GLY B 204 -29.58 11.83 0.72
CA GLY B 204 -29.31 13.01 -0.07
C GLY B 204 -29.14 14.30 0.71
N LYS B 205 -28.82 14.23 2.01
CA LYS B 205 -28.50 15.44 2.77
C LYS B 205 -27.04 15.83 2.64
N LEU B 206 -26.22 14.94 2.12
CA LEU B 206 -24.78 15.12 1.95
C LEU B 206 -24.44 14.61 0.56
N ASP B 207 -23.49 15.26 -0.14
CA ASP B 207 -23.18 14.84 -1.51
C ASP B 207 -21.98 13.91 -1.57
N ALA B 208 -21.00 14.09 -0.68
CA ALA B 208 -19.83 13.23 -0.64
C ALA B 208 -19.29 13.17 0.78
N PHE B 209 -18.70 12.03 1.10
CA PHE B 209 -18.12 11.75 2.42
C PHE B 209 -16.68 11.34 2.18
N ILE B 210 -15.74 12.09 2.74
CA ILE B 210 -14.31 11.85 2.55
C ILE B 210 -13.77 11.18 3.79
N TYR B 211 -13.10 10.04 3.64
CA TYR B 211 -12.78 9.24 4.81
C TYR B 211 -11.76 8.17 4.42
N ASP B 212 -11.26 7.48 5.45
CA ASP B 212 -10.34 6.37 5.30
C ASP B 212 -10.79 5.41 4.20
N ALA B 213 -9.88 5.11 3.28
CA ALA B 213 -10.21 4.30 2.12
C ALA B 213 -10.61 2.88 2.50
N ALA B 214 -9.89 2.28 3.45
CA ALA B 214 -10.22 0.89 3.80
C ALA B 214 -11.64 0.78 4.36
N VAL B 215 -12.02 1.68 5.27
CA VAL B 215 -13.37 1.58 5.82
C VAL B 215 -14.41 1.87 4.74
N LEU B 216 -14.17 2.87 3.87
CA LEU B 216 -15.17 3.18 2.84
C LEU B 216 -15.30 2.05 1.83
N ASN B 217 -14.20 1.41 1.47
CA ASN B 217 -14.30 0.30 0.55
C ASN B 217 -15.09 -0.84 1.19
N TYR B 218 -14.88 -1.07 2.50
CA TYR B 218 -15.65 -2.10 3.18
C TYR B 218 -17.14 -1.75 3.21
N LYS B 219 -17.45 -0.49 3.52
CA LYS B 219 -18.85 -0.10 3.61
C LYS B 219 -19.53 -0.15 2.26
N ALA B 220 -18.83 0.27 1.20
CA ALA B 220 -19.37 0.15 -0.15
C ALA B 220 -19.66 -1.30 -0.48
N GLY B 221 -18.80 -2.21 -0.02
CA GLY B 221 -18.97 -3.62 -0.32
C GLY B 221 -20.22 -4.25 0.29
N ARG B 222 -20.71 -3.69 1.41
CA ARG B 222 -21.89 -4.25 2.07
C ARG B 222 -23.12 -3.36 1.96
N ASP B 223 -23.02 -2.22 1.27
CA ASP B 223 -24.14 -1.28 1.19
C ASP B 223 -25.40 -1.93 0.62
N GLU B 224 -26.51 -1.67 1.28
CA GLU B 224 -27.80 -2.22 0.85
C GLU B 224 -28.21 -1.63 -0.49
N GLY B 225 -28.32 -2.49 -1.52
CA GLY B 225 -28.57 -2.03 -2.87
C GLY B 225 -27.35 -1.58 -3.65
N CYS B 226 -26.17 -1.62 -3.05
CA CYS B 226 -24.92 -1.23 -3.73
C CYS B 226 -25.01 0.17 -4.34
N LYS B 227 -25.61 1.09 -3.58
CA LYS B 227 -25.90 2.44 -4.08
C LYS B 227 -24.82 3.45 -3.69
N LEU B 228 -24.13 3.22 -2.58
CA LEU B 228 -23.00 4.05 -2.20
C LEU B 228 -21.72 3.42 -2.72
N VAL B 229 -20.91 4.23 -3.41
CA VAL B 229 -19.70 3.76 -4.06
C VAL B 229 -18.57 4.74 -3.76
N THR B 230 -17.33 4.24 -3.85
CA THR B 230 -16.15 5.08 -3.79
C THR B 230 -15.86 5.53 -5.22
N ILE B 231 -15.48 6.81 -5.38
CA ILE B 231 -15.32 7.36 -6.73
C ILE B 231 -14.13 6.70 -7.42
N GLY B 232 -14.14 6.78 -8.74
CA GLY B 232 -13.02 6.30 -9.52
C GLY B 232 -12.93 4.79 -9.58
N SER B 233 -11.75 4.34 -10.02
CA SER B 233 -11.43 2.93 -10.12
C SER B 233 -10.67 2.59 -8.84
N GLY B 234 -11.43 2.45 -7.76
CA GLY B 234 -10.81 2.40 -6.44
C GLY B 234 -9.83 3.54 -6.22
N TYR B 235 -10.29 4.78 -6.40
CA TYR B 235 -9.42 5.93 -6.21
C TYR B 235 -8.99 6.03 -4.75
N ILE B 236 -7.69 6.18 -4.52
CA ILE B 236 -7.13 6.44 -3.20
C ILE B 236 -6.12 7.57 -3.31
N PHE B 237 -6.36 8.63 -2.55
CA PHE B 237 -5.42 9.73 -2.40
C PHE B 237 -4.58 9.48 -1.16
N ALA B 238 -3.32 9.87 -1.24
CA ALA B 238 -2.40 9.74 -0.11
C ALA B 238 -2.34 8.30 0.36
N THR B 239 -2.10 7.41 -0.58
CA THR B 239 -2.03 5.99 -0.28
CA THR B 239 -2.06 6.00 -0.25
C THR B 239 -1.03 5.75 0.85
N THR B 240 -1.43 4.91 1.80
CA THR B 240 -0.65 4.55 2.95
C THR B 240 -1.15 3.20 3.47
N GLY B 241 -0.90 2.93 4.73
CA GLY B 241 -1.40 1.70 5.33
C GLY B 241 -1.84 1.90 6.76
N TYR B 242 -2.58 0.91 7.28
CA TYR B 242 -2.62 0.75 8.72
C TYR B 242 -1.30 0.12 9.17
N GLY B 243 -0.76 0.60 10.29
CA GLY B 243 0.42 0.00 10.85
C GLY B 243 0.26 -0.16 12.35
N ILE B 244 1.01 -1.11 12.89
CA ILE B 244 1.13 -1.22 14.34
C ILE B 244 2.02 -0.08 14.84
N ALA B 245 1.53 0.70 15.80
CA ALA B 245 2.36 1.75 16.38
C ALA B 245 3.09 1.22 17.60
N LEU B 246 4.39 1.47 17.66
CA LEU B 246 5.24 1.10 18.79
C LEU B 246 5.96 2.33 19.31
N GLN B 247 6.45 2.24 20.54
CA GLN B 247 7.24 3.32 21.10
C GLN B 247 8.52 3.49 20.30
N LYS B 248 8.95 4.73 20.14
CA LYS B 248 10.24 4.98 19.52
C LYS B 248 11.28 4.03 20.07
N GLY B 249 12.02 3.39 19.18
CA GLY B 249 13.11 2.52 19.59
C GLY B 249 12.68 1.17 20.09
N SER B 250 11.40 0.84 19.96
CA SER B 250 10.87 -0.38 20.54
C SER B 250 11.74 -1.59 20.17
N PRO B 251 12.01 -2.50 21.12
CA PRO B 251 12.64 -3.78 20.77
C PRO B 251 11.73 -4.75 20.03
N TRP B 252 10.43 -4.49 19.92
CA TRP B 252 9.49 -5.40 19.24
C TRP B 252 9.35 -5.14 17.75
N LYS B 253 9.86 -4.00 17.25
CA LYS B 253 9.51 -3.58 15.90
C LYS B 253 10.05 -4.55 14.87
N ARG B 254 11.31 -4.94 15.01
CA ARG B 254 11.92 -5.75 13.97
C ARG B 254 11.17 -7.07 13.79
N GLN B 255 10.89 -7.75 14.90
CA GLN B 255 10.24 -9.05 14.79
C GLN B 255 8.79 -8.90 14.35
N ILE B 256 8.15 -7.81 14.74
CA ILE B 256 6.79 -7.61 14.27
C ILE B 256 6.79 -7.37 12.76
N ASP B 257 7.76 -6.60 12.26
CA ASP B 257 7.85 -6.32 10.84
C ASP B 257 8.07 -7.63 10.06
N LEU B 258 9.03 -8.43 10.50
CA LEU B 258 9.31 -9.65 9.75
C LEU B 258 8.11 -10.58 9.78
N ALA B 259 7.39 -10.63 10.90
CA ALA B 259 6.26 -11.56 11.01
C ALA B 259 5.11 -11.15 10.10
N LEU B 260 4.78 -9.84 10.11
CA LEU B 260 3.76 -9.32 9.17
C LEU B 260 4.15 -9.66 7.75
N LEU B 261 5.41 -9.49 7.39
CA LEU B 261 5.81 -9.76 6.01
C LEU B 261 5.79 -11.25 5.73
N GLN B 262 6.02 -12.07 6.77
CA GLN B 262 5.92 -13.51 6.57
C GLN B 262 4.47 -13.92 6.34
N PHE B 263 3.52 -13.28 7.06
CA PHE B 263 2.11 -13.59 6.89
C PHE B 263 1.66 -13.31 5.48
N VAL B 264 2.19 -12.23 4.87
CA VAL B 264 1.88 -11.93 3.48
C VAL B 264 2.38 -13.04 2.57
N GLY B 265 3.64 -13.39 2.72
CA GLY B 265 4.23 -14.40 1.84
C GLY B 265 3.55 -15.74 1.93
N ASP B 266 3.07 -16.13 3.13
CA ASP B 266 2.47 -17.45 3.35
C ASP B 266 0.95 -17.50 3.04
N GLY B 267 0.37 -16.46 2.44
CA GLY B 267 -1.05 -16.42 2.19
C GLY B 267 -1.94 -16.11 3.38
N GLU B 268 -1.37 -15.95 4.59
CA GLU B 268 -2.22 -15.71 5.74
C GLU B 268 -3.01 -14.41 5.60
N MET B 269 -2.44 -13.41 4.93
CA MET B 269 -3.16 -12.16 4.76
CA MET B 269 -3.16 -12.16 4.76
C MET B 269 -4.39 -12.33 3.87
N GLU B 270 -4.29 -13.17 2.84
CA GLU B 270 -5.43 -13.44 1.96
C GLU B 270 -6.57 -14.09 2.75
N GLU B 271 -6.24 -14.97 3.67
CA GLU B 271 -7.26 -15.60 4.51
C GLU B 271 -8.02 -14.55 5.33
N LEU B 272 -7.30 -13.64 5.98
CA LEU B 272 -7.98 -12.60 6.78
C LEU B 272 -8.83 -11.69 5.90
N GLU B 273 -8.39 -11.37 4.68
CA GLU B 273 -9.21 -10.59 3.76
C GLU B 273 -10.54 -11.29 3.46
N THR B 274 -10.47 -12.57 3.10
CA THR B 274 -11.68 -13.35 2.84
C THR B 274 -12.60 -13.36 4.05
N LEU B 275 -12.02 -13.52 5.22
CA LEU B 275 -12.86 -13.69 6.41
C LEU B 275 -13.53 -12.38 6.80
N TRP B 276 -12.85 -11.24 6.64
CA TRP B 276 -13.32 -9.98 7.20
C TRP B 276 -13.67 -8.88 6.21
N LEU B 277 -13.09 -8.86 5.02
CA LEU B 277 -13.14 -7.67 4.19
C LEU B 277 -13.91 -7.84 2.88
N THR B 278 -14.50 -9.00 2.64
CA THR B 278 -15.17 -9.23 1.37
C THR B 278 -16.59 -8.71 1.46
N GLY B 279 -17.07 -8.12 0.37
CA GLY B 279 -18.45 -7.69 0.27
C GLY B 279 -19.08 -8.24 -1.00
N ILE B 280 -20.39 -8.02 -1.09
CA ILE B 280 -21.17 -8.53 -2.22
C ILE B 280 -21.23 -7.52 -3.35
N CYS B 281 -21.05 -6.24 -3.07
CA CYS B 281 -20.98 -5.23 -4.12
C CYS B 281 -19.56 -5.13 -4.63
N HIS B 282 -19.44 -4.85 -5.92
CA HIS B 282 -18.14 -4.63 -6.56
C HIS B 282 -18.28 -3.48 -7.54
N ASN B 283 -17.47 -2.44 -7.34
CA ASN B 283 -17.51 -1.22 -8.16
C ASN B 283 -18.89 -0.54 -8.15
#